data_5ZJS
#
_entry.id   5ZJS
#
_cell.length_a   77.760
_cell.length_b   49.658
_cell.length_c   96.774
_cell.angle_alpha   90.000
_cell.angle_beta   109.030
_cell.angle_gamma   90.000
#
_symmetry.space_group_name_H-M   'C 1 2 1'
#
loop_
_entity.id
_entity.type
_entity.pdbx_description
1 polymer 'Homeobox protein abdominal-B'
2 polymer 'Homeobox protein extradenticle'
3 polymer "DNA (5'-D(*GP*TP*CP*AP*TP*TP*AP*AP*TP*CP*AP*TP*GP*C)-3')"
4 polymer "DNA (5'-D(*GP*CP*AP*TP*GP*AP*TP*TP*AP*AP*TP*GP*AP*C)-3')"
5 water water
#
loop_
_entity_poly.entity_id
_entity_poly.type
_entity_poly.pdbx_seq_one_letter_code
_entity_poly.pdbx_strand_id
1 'polypeptide(L)'
;VGPCTPNPGLHEWTGQVSVRKKRKPYSKFQTLELEKEFLFNAYVSKQKRWELARNLQLTERQVKIWFQNRRMKNKKNSQR
QANQ
;
A
2 'polypeptide(L)' DARRKRRNFSKQASEILNEYFYSHLSNPYPSEEAKEELARKCGITVSQVSNWFGNKRIRYKKNIGKAQEEANLY B
3 'polydeoxyribonucleotide' (DG)(DT)(DC)(DA)(DT)(DT)(DA)(DA)(DT)(DC)(DA)(DT)(DG)(DC) C
4 'polydeoxyribonucleotide' (DG)(DC)(DA)(DT)(DG)(DA)(DT)(DT)(DA)(DA)(DT)(DG)(DA)(DC) D
#
loop_
_chem_comp.id
_chem_comp.type
_chem_comp.name
_chem_comp.formula
DA DNA linking 2'-DEOXYADENOSINE-5'-MONOPHOSPHATE 'C10 H14 N5 O6 P'
DC DNA linking 2'-DEOXYCYTIDINE-5'-MONOPHOSPHATE 'C9 H14 N3 O7 P'
DG DNA linking 2'-DEOXYGUANOSINE-5'-MONOPHOSPHATE 'C10 H14 N5 O7 P'
DT DNA linking THYMIDINE-5'-MONOPHOSPHATE 'C10 H15 N2 O8 P'
#
# COMPACT_ATOMS: atom_id res chain seq x y z
N TRP A 13 6.13 -8.39 16.29
CA TRP A 13 5.00 -7.98 15.47
C TRP A 13 4.30 -9.18 14.82
N LYS A 21 -11.37 -7.72 10.14
CA LYS A 21 -12.36 -7.73 9.07
C LYS A 21 -11.69 -8.02 7.72
N LYS A 22 -12.04 -9.15 7.12
CA LYS A 22 -11.44 -9.56 5.85
C LYS A 22 -11.85 -8.63 4.71
N ARG A 23 -10.90 -8.31 3.86
CA ARG A 23 -11.12 -7.36 2.77
C ARG A 23 -11.84 -7.97 1.58
N LYS A 24 -12.81 -7.24 1.04
CA LYS A 24 -13.55 -7.68 -0.14
C LYS A 24 -13.53 -6.63 -1.25
N PRO A 25 -12.93 -6.97 -2.40
CA PRO A 25 -12.91 -6.09 -3.57
C PRO A 25 -14.31 -5.74 -4.03
N TYR A 26 -14.57 -4.45 -4.26
CA TYR A 26 -15.91 -3.99 -4.61
C TYR A 26 -16.28 -4.38 -6.04
N SER A 27 -17.54 -4.19 -6.39
CA SER A 27 -18.01 -4.46 -7.74
C SER A 27 -17.47 -3.41 -8.71
N LYS A 28 -17.52 -3.73 -10.00
CA LYS A 28 -17.15 -2.76 -11.02
C LYS A 28 -18.18 -1.64 -11.06
N PHE A 29 -19.43 -2.01 -10.82
CA PHE A 29 -20.53 -1.06 -10.81
C PHE A 29 -20.38 -0.03 -9.68
N GLN A 30 -20.22 -0.52 -8.45
CA GLN A 30 -20.02 0.34 -7.29
C GLN A 30 -18.87 1.31 -7.52
N THR A 31 -17.75 0.76 -7.98
CA THR A 31 -16.55 1.55 -8.28
C THR A 31 -16.86 2.66 -9.29
N LEU A 32 -17.53 2.29 -10.37
CA LEU A 32 -17.90 3.25 -11.40
C LEU A 32 -18.77 4.38 -10.85
N GLU A 33 -19.76 4.02 -10.04
CA GLU A 33 -20.66 5.01 -9.44
C GLU A 33 -19.90 5.96 -8.50
N LEU A 34 -19.04 5.39 -7.67
CA LEU A 34 -18.24 6.16 -6.73
C LEU A 34 -17.32 7.15 -7.45
N GLU A 35 -16.65 6.68 -8.50
CA GLU A 35 -15.81 7.55 -9.30
C GLU A 35 -16.64 8.64 -9.97
N LYS A 36 -17.82 8.26 -10.46
CA LYS A 36 -18.72 9.19 -11.12
C LYS A 36 -19.18 10.30 -10.17
N GLU A 37 -19.26 9.96 -8.88
CA GLU A 37 -19.61 10.95 -7.87
C GLU A 37 -18.38 11.76 -7.47
N PHE A 38 -17.20 11.16 -7.63
CA PHE A 38 -15.95 11.80 -7.26
C PHE A 38 -15.61 12.96 -8.20
N LEU A 39 -16.23 12.96 -9.38
CA LEU A 39 -16.07 14.06 -10.34
C LEU A 39 -16.64 15.35 -9.75
N PHE A 40 -17.78 15.22 -9.10
CA PHE A 40 -18.46 16.36 -8.49
C PHE A 40 -17.86 16.74 -7.15
N ASN A 41 -17.70 15.74 -6.28
CA ASN A 41 -17.27 15.99 -4.91
C ASN A 41 -16.17 15.04 -4.44
N ALA A 42 -14.97 15.57 -4.27
CA ALA A 42 -13.90 14.83 -3.61
C ALA A 42 -14.28 14.66 -2.15
N TYR A 43 -14.97 15.67 -1.62
CA TYR A 43 -15.53 15.61 -0.28
C TYR A 43 -17.05 15.58 -0.37
N VAL A 44 -17.65 14.52 0.16
CA VAL A 44 -19.10 14.33 0.03
C VAL A 44 -19.81 14.53 1.38
N SER A 45 -21.04 15.02 1.32
CA SER A 45 -21.84 15.26 2.51
C SER A 45 -22.15 13.96 3.26
N LYS A 46 -22.56 14.11 4.51
CA LYS A 46 -22.91 12.96 5.35
C LYS A 46 -24.23 12.34 4.91
N GLN A 47 -25.02 13.08 4.15
CA GLN A 47 -26.32 12.58 3.70
C GLN A 47 -26.28 12.00 2.30
N LYS A 48 -25.53 12.63 1.40
CA LYS A 48 -25.36 12.09 0.05
C LYS A 48 -24.62 10.76 0.16
N ARG A 49 -23.77 10.66 1.18
CA ARG A 49 -23.11 9.41 1.52
C ARG A 49 -24.12 8.33 1.85
N TRP A 50 -25.18 8.70 2.57
CA TRP A 50 -26.24 7.75 2.92
C TRP A 50 -26.89 7.20 1.65
N GLU A 51 -27.25 8.10 0.74
CA GLU A 51 -27.81 7.72 -0.55
C GLU A 51 -26.88 6.76 -1.28
N LEU A 52 -25.59 7.09 -1.30
CA LEU A 52 -24.58 6.24 -1.93
C LEU A 52 -24.57 4.84 -1.34
N ALA A 53 -24.44 4.77 -0.03
CA ALA A 53 -24.38 3.51 0.70
C ALA A 53 -25.60 2.64 0.43
N ARG A 54 -26.77 3.28 0.36
CA ARG A 54 -28.02 2.56 0.15
C ARG A 54 -28.15 2.10 -1.31
N ASN A 55 -27.61 2.90 -2.23
CA ASN A 55 -27.71 2.58 -3.65
C ASN A 55 -26.65 1.59 -4.14
N LEU A 56 -25.46 1.65 -3.55
CA LEU A 56 -24.36 0.78 -3.96
C LEU A 56 -24.19 -0.40 -3.02
N GLN A 57 -25.17 -0.58 -2.15
CA GLN A 57 -25.18 -1.69 -1.19
C GLN A 57 -23.91 -1.69 -0.34
N LEU A 58 -23.65 -0.57 0.32
CA LEU A 58 -22.48 -0.43 1.20
C LEU A 58 -22.90 0.22 2.50
N THR A 59 -21.97 0.31 3.45
CA THR A 59 -22.24 1.03 4.69
C THR A 59 -21.85 2.50 4.51
N GLU A 60 -22.21 3.34 5.47
CA GLU A 60 -21.81 4.73 5.42
C GLU A 60 -20.31 4.84 5.69
N ARG A 61 -19.84 3.98 6.58
CA ARG A 61 -18.42 3.89 6.90
C ARG A 61 -17.62 3.44 5.68
N GLN A 62 -18.16 2.49 4.94
CA GLN A 62 -17.51 1.99 3.72
C GLN A 62 -17.30 3.10 2.70
N VAL A 63 -18.36 3.88 2.45
CA VAL A 63 -18.30 5.00 1.52
C VAL A 63 -17.29 6.04 2.02
N LYS A 64 -17.39 6.39 3.29
CA LYS A 64 -16.45 7.28 3.96
C LYS A 64 -15.00 6.90 3.68
N ILE A 65 -14.67 5.64 4.00
CA ILE A 65 -13.34 5.11 3.75
C ILE A 65 -12.94 5.20 2.28
N TRP A 66 -13.86 4.80 1.40
CA TRP A 66 -13.58 4.80 -0.04
C TRP A 66 -13.15 6.18 -0.50
N PHE A 67 -13.88 7.21 -0.06
CA PHE A 67 -13.53 8.57 -0.47
C PHE A 67 -12.22 9.03 0.14
N GLN A 68 -11.95 8.63 1.38
CA GLN A 68 -10.66 8.95 2.00
C GLN A 68 -9.49 8.39 1.17
N ASN A 69 -9.51 7.08 0.98
CA ASN A 69 -8.50 6.38 0.18
C ASN A 69 -8.36 6.97 -1.21
N ARG A 70 -9.51 7.24 -1.85
CA ARG A 70 -9.52 7.81 -3.19
C ARG A 70 -8.81 9.16 -3.21
N ARG A 71 -9.01 9.95 -2.16
CA ARG A 71 -8.33 11.22 -2.04
C ARG A 71 -6.81 11.04 -1.97
N MET A 72 -6.35 10.12 -1.11
CA MET A 72 -4.91 9.86 -1.03
C MET A 72 -4.34 9.41 -2.39
N LYS A 73 -5.11 8.56 -3.07
CA LYS A 73 -4.73 8.07 -4.39
C LYS A 73 -4.56 9.22 -5.38
N ASN A 74 -5.53 10.13 -5.39
CA ASN A 74 -5.47 11.29 -6.27
C ASN A 74 -4.30 12.19 -5.90
N LYS A 75 -3.90 12.16 -4.63
CA LYS A 75 -2.74 12.91 -4.19
C LYS A 75 -1.46 12.31 -4.77
N LYS A 76 -1.34 10.99 -4.75
CA LYS A 76 -0.15 10.34 -5.29
C LYS A 76 0.07 10.67 -6.77
N ASN A 77 -0.85 10.23 -7.62
CA ASN A 77 -0.75 10.44 -9.05
C ASN A 77 -0.94 11.90 -9.44
N ARG B 3 -1.82 0.59 -12.59
CA ARG B 3 -1.03 1.03 -13.73
C ARG B 3 0.13 0.08 -14.01
N ARG B 4 0.12 -0.50 -15.22
CA ARG B 4 1.09 -1.50 -15.63
C ARG B 4 1.84 -0.99 -16.87
N LYS B 5 2.99 -1.57 -17.25
CA LYS B 5 3.55 -2.79 -16.66
C LYS B 5 4.65 -2.54 -15.64
N ARG B 6 5.14 -3.64 -15.06
CA ARG B 6 6.08 -3.59 -13.95
C ARG B 6 7.45 -4.15 -14.35
N ARG B 7 8.50 -3.67 -13.69
CA ARG B 7 9.84 -4.24 -13.85
C ARG B 7 10.35 -4.76 -12.51
N ASN B 8 11.32 -5.66 -12.55
CA ASN B 8 11.98 -6.13 -11.34
C ASN B 8 13.22 -5.30 -11.07
N PHE B 9 13.46 -5.03 -9.78
CA PHE B 9 14.58 -4.18 -9.39
C PHE B 9 15.91 -4.87 -9.69
N SER B 10 16.94 -4.08 -9.94
CA SER B 10 18.28 -4.60 -10.22
C SER B 10 18.75 -5.48 -9.08
N LYS B 11 19.53 -6.52 -9.40
CA LYS B 11 19.97 -7.49 -8.41
C LYS B 11 20.80 -6.86 -7.30
N GLN B 12 21.21 -5.61 -7.49
CA GLN B 12 22.01 -4.89 -6.52
C GLN B 12 21.10 -4.21 -5.50
N ALA B 13 19.92 -3.79 -5.96
CA ALA B 13 18.97 -3.05 -5.14
C ALA B 13 18.28 -3.94 -4.10
N SER B 14 18.00 -5.18 -4.51
CA SER B 14 17.38 -6.17 -3.65
C SER B 14 18.32 -6.52 -2.49
N GLU B 15 19.62 -6.63 -2.80
CA GLU B 15 20.61 -7.04 -1.81
C GLU B 15 20.81 -5.99 -0.75
N ILE B 16 20.62 -4.72 -1.09
CA ILE B 16 20.77 -3.69 -0.06
C ILE B 16 19.44 -3.52 0.68
N LEU B 17 18.31 -3.74 0.01
CA LEU B 17 17.04 -3.79 0.74
C LEU B 17 17.02 -4.95 1.76
N ASN B 18 17.73 -6.03 1.44
CA ASN B 18 17.84 -7.18 2.34
C ASN B 18 18.88 -6.95 3.42
N GLU B 19 19.98 -6.29 3.06
CA GLU B 19 21.01 -5.93 4.03
C GLU B 19 20.42 -5.02 5.08
N TYR B 20 19.46 -4.19 4.67
CA TYR B 20 18.76 -3.33 5.61
C TYR B 20 17.76 -4.16 6.41
N PHE B 21 16.88 -4.88 5.71
CA PHE B 21 15.79 -5.59 6.36
C PHE B 21 16.27 -6.59 7.42
N TYR B 22 17.11 -7.54 7.01
CA TYR B 22 17.53 -8.62 7.90
C TYR B 22 18.50 -8.16 8.99
N SER B 23 18.97 -6.92 8.90
CA SER B 23 19.80 -6.36 9.96
C SER B 23 18.93 -5.65 10.99
N HIS B 24 17.65 -5.50 10.65
CA HIS B 24 16.72 -4.79 11.50
C HIS B 24 15.47 -5.61 11.75
N LEU B 25 15.67 -6.88 12.07
CA LEU B 25 14.55 -7.75 12.42
C LEU B 25 13.78 -7.11 13.57
N SER B 26 14.47 -6.85 14.68
CA SER B 26 13.87 -6.23 15.87
C SER B 26 12.92 -5.07 15.51
N ASN B 27 13.41 -4.11 14.72
CA ASN B 27 12.59 -3.01 14.23
C ASN B 27 12.82 -2.73 12.74
N PRO B 28 11.99 -3.33 11.87
CA PRO B 28 12.15 -3.23 10.42
C PRO B 28 11.39 -2.07 9.79
N TYR B 29 11.19 -0.99 10.54
CA TYR B 29 10.54 0.20 9.98
C TYR B 29 11.56 1.31 9.73
N PRO B 30 11.63 1.80 8.49
CA PRO B 30 12.58 2.86 8.15
C PRO B 30 12.05 4.26 8.46
N SER B 31 12.93 5.13 8.96
CA SER B 31 12.59 6.52 9.16
C SER B 31 12.23 7.14 7.82
N GLU B 32 11.43 8.20 7.83
CA GLU B 32 11.01 8.85 6.59
C GLU B 32 12.20 9.52 5.88
N GLU B 33 13.35 9.51 6.53
CA GLU B 33 14.57 10.07 5.96
C GLU B 33 15.52 8.97 5.49
N ALA B 34 15.54 7.86 6.21
CA ALA B 34 16.39 6.73 5.85
C ALA B 34 15.92 6.11 4.54
N LYS B 35 14.60 6.08 4.35
CA LYS B 35 14.01 5.51 3.15
C LYS B 35 14.33 6.34 1.92
N GLU B 36 14.59 7.64 2.13
CA GLU B 36 14.97 8.52 1.04
C GLU B 36 16.36 8.14 0.52
N GLU B 37 17.27 7.93 1.46
CA GLU B 37 18.61 7.49 1.13
C GLU B 37 18.60 6.08 0.52
N LEU B 38 17.68 5.25 1.00
CA LEU B 38 17.49 3.93 0.41
C LEU B 38 17.04 4.06 -1.04
N ALA B 39 16.14 4.99 -1.29
CA ALA B 39 15.62 5.22 -2.64
C ALA B 39 16.65 5.97 -3.50
N ARG B 40 17.72 6.44 -2.87
CA ARG B 40 18.82 7.07 -3.59
C ARG B 40 19.86 6.03 -4.00
N LYS B 41 20.27 5.20 -3.05
CA LYS B 41 21.25 4.15 -3.31
C LYS B 41 20.72 3.13 -4.31
N CYS B 42 19.45 2.74 -4.13
CA CYS B 42 18.73 1.98 -5.14
C CYS B 42 18.27 2.97 -6.22
N GLY B 43 18.09 2.50 -7.44
CA GLY B 43 17.50 3.33 -8.47
C GLY B 43 15.97 3.23 -8.45
N ILE B 44 15.34 3.84 -7.46
CA ILE B 44 13.89 3.77 -7.32
C ILE B 44 13.30 4.97 -6.59
N THR B 45 11.97 5.08 -6.63
CA THR B 45 11.25 6.11 -5.89
C THR B 45 11.17 5.71 -4.42
N VAL B 46 10.80 6.65 -3.55
CA VAL B 46 10.58 6.33 -2.15
C VAL B 46 9.28 5.53 -2.03
N SER B 47 8.35 5.84 -2.93
CA SER B 47 7.06 5.16 -3.00
C SER B 47 7.21 3.70 -3.38
N GLN B 48 8.42 3.32 -3.77
CA GLN B 48 8.72 1.94 -4.13
C GLN B 48 9.38 1.21 -2.97
N VAL B 49 10.24 1.91 -2.24
CA VAL B 49 10.89 1.33 -1.06
C VAL B 49 9.84 1.03 0.01
N SER B 50 8.96 1.99 0.25
CA SER B 50 7.89 1.79 1.24
C SER B 50 6.98 0.62 0.85
N ASN B 51 6.79 0.45 -0.46
CA ASN B 51 6.05 -0.68 -0.99
C ASN B 51 6.78 -1.99 -0.70
N TRP B 52 8.08 -1.99 -0.97
CA TRP B 52 8.91 -3.16 -0.77
C TRP B 52 8.88 -3.64 0.68
N PHE B 53 8.88 -2.69 1.61
CA PHE B 53 8.79 -3.07 3.02
C PHE B 53 7.37 -3.52 3.37
N GLY B 54 6.38 -2.86 2.75
CA GLY B 54 5.00 -3.25 2.91
C GLY B 54 4.75 -4.71 2.57
N ASN B 55 5.46 -5.21 1.56
CA ASN B 55 5.34 -6.61 1.17
C ASN B 55 6.27 -7.54 1.95
N LYS B 56 7.52 -7.11 2.09
CA LYS B 56 8.55 -7.93 2.71
C LYS B 56 8.25 -8.23 4.18
N ARG B 57 7.56 -7.31 4.84
CA ARG B 57 7.17 -7.53 6.24
C ARG B 57 6.31 -8.79 6.39
N ILE B 58 5.14 -8.77 5.75
CA ILE B 58 4.19 -9.87 5.87
C ILE B 58 4.74 -11.15 5.22
N ARG B 59 5.40 -11.02 4.07
CA ARG B 59 5.91 -12.21 3.38
C ARG B 59 7.06 -12.82 4.16
N TYR B 60 7.70 -12.03 5.01
CA TYR B 60 8.61 -12.57 6.01
C TYR B 60 7.81 -13.35 7.04
N LYS B 61 6.85 -12.65 7.66
CA LYS B 61 6.09 -13.21 8.77
C LYS B 61 5.26 -14.44 8.39
N LYS B 62 5.01 -14.63 7.10
CA LYS B 62 4.22 -15.77 6.65
C LYS B 62 5.09 -16.99 6.36
N ASN B 63 6.31 -16.95 6.88
CA ASN B 63 7.20 -18.11 6.81
C ASN B 63 7.42 -18.73 8.19
N ILE B 64 8.04 -19.90 8.21
CA ILE B 64 8.20 -20.68 9.44
C ILE B 64 9.46 -20.50 10.32
N GLY B 65 10.64 -20.16 9.78
CA GLY B 65 10.88 -19.78 8.40
C GLY B 65 11.24 -20.92 7.47
N LYS B 66 10.82 -20.79 6.21
CA LYS B 66 11.12 -21.78 5.19
C LYS B 66 11.61 -21.14 3.89
N ALA B 67 12.89 -20.76 3.86
CA ALA B 67 13.78 -20.86 4.99
C ALA B 67 14.33 -19.49 5.36
N GLN B 68 13.49 -18.62 5.89
CA GLN B 68 13.91 -17.25 6.18
C GLN B 68 14.86 -17.18 7.38
N GLU B 69 15.00 -18.29 8.09
CA GLU B 69 15.92 -18.35 9.23
C GLU B 69 17.36 -18.50 8.75
N GLU B 70 17.53 -18.99 7.54
CA GLU B 70 18.86 -19.21 6.98
C GLU B 70 19.41 -17.93 6.36
N ALA B 71 18.51 -17.06 5.91
CA ALA B 71 18.90 -15.80 5.28
C ALA B 71 19.22 -14.74 6.33
N ASN B 72 20.27 -14.96 7.11
CA ASN B 72 20.80 -13.95 8.01
C ASN B 72 22.30 -13.85 7.90
N LEU B 73 22.75 -13.04 6.95
CA LEU B 73 24.16 -12.78 6.75
C LEU B 73 24.54 -11.49 7.48
N TYR B 74 23.54 -10.89 8.10
CA TYR B 74 23.72 -9.65 8.85
C TYR B 74 24.63 -9.86 10.05
#